data_1JAR
#
_entry.id   1JAR
#
_cell.length_a   ?
_cell.length_b   ?
_cell.length_c   ?
_cell.angle_alpha   ?
_cell.angle_beta   ?
_cell.angle_gamma   ?
#
_entity_poly.entity_id   1
_entity_poly.type   'polypeptide(L)'
_entity_poly.pdbx_seq_one_letter_code
;(ACE)IWGDSGKLI(DAB)TTA
;
_entity_poly.pdbx_strand_id   A
#
# COMPACT_ATOMS: atom_id res chain seq x y z
N ILE A 2 8.50 0.93 -3.51
CA ILE A 2 7.08 0.72 -3.15
C ILE A 2 6.92 -0.56 -2.26
N TRP A 3 6.49 -0.40 -1.00
CA TRP A 3 6.28 -1.55 -0.06
C TRP A 3 5.01 -2.46 -0.30
N GLY A 4 4.15 -2.15 -1.30
CA GLY A 4 2.94 -2.95 -1.59
C GLY A 4 2.25 -2.55 -2.91
N ASP A 5 1.47 -1.46 -2.87
CA ASP A 5 0.71 -0.96 -4.04
C ASP A 5 1.58 -0.09 -5.01
N SER A 6 1.49 -0.38 -6.32
CA SER A 6 2.24 0.35 -7.38
C SER A 6 1.41 1.56 -7.90
N GLY A 7 1.51 2.67 -7.17
CA GLY A 7 0.79 3.93 -7.49
C GLY A 7 0.37 4.62 -6.19
N LYS A 8 -0.85 4.32 -5.70
CA LYS A 8 -1.37 4.88 -4.43
C LYS A 8 -0.90 3.92 -3.30
N LEU A 9 0.24 4.26 -2.66
CA LEU A 9 0.87 3.44 -1.60
C LEU A 9 0.24 3.65 -0.18
N ILE A 10 -0.95 3.08 0.00
CA ILE A 10 -1.74 3.16 1.27
C ILE A 10 -2.40 1.79 1.69
N THR A 12 -2.26 -0.28 4.39
CA THR A 12 -1.95 -0.57 5.82
C THR A 12 -2.80 -1.78 6.34
N THR A 13 -4.06 -1.58 6.80
CA THR A 13 -4.94 -2.70 7.26
C THR A 13 -5.41 -3.60 6.06
N ALA A 14 -6.00 -3.01 5.00
CA ALA A 14 -6.46 -3.74 3.80
C ALA A 14 -5.35 -3.69 2.73
N ILE A 2 7.83 2.14 -3.18
CA ILE A 2 6.55 1.40 -3.02
C ILE A 2 6.80 -0.07 -2.56
N TRP A 3 6.42 -0.41 -1.30
CA TRP A 3 6.60 -1.80 -0.77
C TRP A 3 5.60 -2.90 -1.28
N GLY A 4 4.38 -2.51 -1.67
CA GLY A 4 3.36 -3.45 -2.18
C GLY A 4 2.09 -2.85 -2.85
N ASP A 5 2.17 -1.66 -3.47
CA ASP A 5 1.03 -1.00 -4.15
C ASP A 5 1.62 -0.11 -5.27
N SER A 6 1.37 -0.47 -6.55
CA SER A 6 1.90 0.26 -7.72
C SER A 6 1.04 1.52 -8.07
N GLY A 7 1.40 2.63 -7.42
CA GLY A 7 0.72 3.94 -7.60
C GLY A 7 0.54 4.60 -6.22
N LYS A 8 -0.68 4.49 -5.65
CA LYS A 8 -1.00 5.06 -4.32
C LYS A 8 -0.59 4.03 -3.23
N LEU A 9 0.37 4.41 -2.36
CA LEU A 9 0.86 3.52 -1.27
C LEU A 9 -0.04 3.65 0.00
N ILE A 10 -1.19 2.96 -0.04
CA ILE A 10 -2.20 2.95 1.06
C ILE A 10 -2.54 1.49 1.53
N THR A 12 -2.58 -0.31 4.55
CA THR A 12 -2.53 -0.32 6.03
C THR A 12 -2.96 -1.73 6.55
N THR A 13 -1.97 -2.57 6.89
CA THR A 13 -2.20 -3.96 7.39
C THR A 13 -1.48 -4.14 8.76
N ALA A 14 -0.14 -4.23 8.80
CA ALA A 14 0.63 -4.40 10.06
C ALA A 14 0.98 -3.02 10.68
N ILE A 2 7.84 2.16 -3.22
CA ILE A 2 6.56 1.42 -3.05
C ILE A 2 6.83 -0.04 -2.57
N TRP A 3 6.45 -0.39 -1.33
CA TRP A 3 6.63 -1.76 -0.77
C TRP A 3 5.63 -2.87 -1.28
N GLY A 4 4.41 -2.49 -1.68
CA GLY A 4 3.39 -3.44 -2.20
C GLY A 4 2.13 -2.84 -2.85
N ASP A 5 2.20 -1.65 -3.48
CA ASP A 5 1.04 -1.00 -4.15
C ASP A 5 1.63 -0.10 -5.28
N SER A 6 1.38 -0.46 -6.55
CA SER A 6 1.89 0.26 -7.74
C SER A 6 1.04 1.52 -8.09
N GLY A 7 1.38 2.62 -7.43
CA GLY A 7 0.70 3.93 -7.59
C GLY A 7 0.52 4.60 -6.22
N LYS A 8 -0.70 4.48 -5.65
CA LYS A 8 -1.02 5.05 -4.32
C LYS A 8 -0.60 4.03 -3.22
N LEU A 9 0.37 4.41 -2.37
CA LEU A 9 0.87 3.53 -1.28
C LEU A 9 -0.01 3.67 0.00
N ILE A 10 -1.17 2.96 -0.03
CA ILE A 10 -2.17 2.96 1.08
C ILE A 10 -2.51 1.50 1.54
N THR A 12 -2.57 -0.32 4.55
CA THR A 12 -2.52 -0.35 6.03
C THR A 12 -3.08 -1.71 6.54
N THR A 13 -2.16 -2.61 6.94
CA THR A 13 -2.50 -3.97 7.44
C THR A 13 -2.88 -3.96 8.96
N ALA A 14 -1.94 -3.62 9.87
CA ALA A 14 -2.19 -3.58 11.33
C ALA A 14 -2.72 -2.18 11.74
N ILE A 2 8.47 1.20 -3.65
CA ILE A 2 7.06 0.89 -3.29
C ILE A 2 6.99 -0.43 -2.46
N TRP A 3 6.58 -0.36 -1.17
CA TRP A 3 6.43 -1.56 -0.29
C TRP A 3 5.21 -2.51 -0.56
N GLY A 4 4.31 -2.19 -1.50
CA GLY A 4 3.13 -3.03 -1.81
C GLY A 4 2.39 -2.58 -3.08
N ASP A 5 1.59 -1.50 -2.97
CA ASP A 5 0.78 -0.97 -4.10
C ASP A 5 1.61 -0.09 -5.08
N SER A 6 1.49 -0.35 -6.40
CA SER A 6 2.20 0.38 -7.46
C SER A 6 1.36 1.60 -7.94
N GLY A 7 1.49 2.71 -7.21
CA GLY A 7 0.77 3.98 -7.49
C GLY A 7 0.36 4.62 -6.16
N LYS A 8 -0.86 4.32 -5.68
CA LYS A 8 -1.37 4.84 -4.38
C LYS A 8 -0.88 3.88 -3.27
N LEU A 9 0.25 4.25 -2.62
CA LEU A 9 0.88 3.42 -1.56
C LEU A 9 0.24 3.63 -0.15
N ILE A 10 -0.97 3.03 0.02
CA ILE A 10 -1.75 3.10 1.28
C ILE A 10 -2.39 1.72 1.68
N THR A 12 -2.26 -0.34 4.40
CA THR A 12 -1.95 -0.57 5.84
C THR A 12 -3.10 -1.40 6.48
N THR A 13 -2.84 -2.69 6.76
CA THR A 13 -3.83 -3.62 7.37
C THR A 13 -3.89 -3.48 8.93
N ALA A 14 -2.80 -3.79 9.66
CA ALA A 14 -2.76 -3.68 11.14
C ALA A 14 -2.42 -2.24 11.62
N ILE A 2 8.12 2.09 -3.89
CA ILE A 2 6.83 1.43 -3.58
C ILE A 2 7.07 0.00 -2.99
N TRP A 3 6.70 -0.23 -1.72
CA TRP A 3 6.85 -1.58 -1.07
C TRP A 3 5.83 -2.69 -1.51
N GLY A 4 4.69 -2.31 -2.08
CA GLY A 4 3.64 -3.26 -2.54
C GLY A 4 2.71 -2.67 -3.61
N ASP A 5 1.90 -1.67 -3.25
CA ASP A 5 0.94 -1.02 -4.18
C ASP A 5 1.65 -0.07 -5.21
N SER A 6 1.49 -0.37 -6.51
CA SER A 6 2.10 0.40 -7.62
C SER A 6 1.22 1.61 -8.03
N GLY A 7 1.43 2.72 -7.32
CA GLY A 7 0.70 3.99 -7.54
C GLY A 7 0.36 4.62 -6.19
N LYS A 8 -0.85 4.34 -5.67
CA LYS A 8 -1.32 4.85 -4.37
C LYS A 8 -0.80 3.88 -3.26
N LEU A 9 0.28 4.30 -2.56
CA LEU A 9 0.91 3.47 -1.50
C LEU A 9 0.22 3.66 -0.11
N ILE A 10 -0.96 3.02 0.03
CA ILE A 10 -1.79 3.07 1.27
C ILE A 10 -2.34 1.65 1.66
N THR A 12 -2.47 -0.32 4.51
CA THR A 12 -2.35 -0.45 5.99
C THR A 12 -3.37 -1.52 6.48
N THR A 13 -2.88 -2.74 6.76
CA THR A 13 -3.72 -3.88 7.23
C THR A 13 -3.89 -3.88 8.78
N ALA A 14 -2.80 -4.12 9.55
CA ALA A 14 -2.85 -4.14 11.03
C ALA A 14 -1.52 -3.59 11.60
N ILE A 2 8.19 1.33 -3.73
CA ILE A 2 6.80 0.86 -3.46
C ILE A 2 6.77 -0.53 -2.74
N TRP A 3 6.42 -0.54 -1.44
CA TRP A 3 6.34 -1.80 -0.62
C TRP A 3 5.10 -2.74 -0.86
N GLY A 4 4.12 -2.35 -1.69
CA GLY A 4 2.92 -3.17 -1.97
C GLY A 4 2.16 -2.66 -3.21
N ASP A 5 1.41 -1.56 -3.04
CA ASP A 5 0.60 -0.95 -4.14
C ASP A 5 1.49 -0.05 -5.03
N SER A 6 1.55 -0.35 -6.34
CA SER A 6 2.33 0.41 -7.35
C SER A 6 1.50 1.60 -7.91
N GLY A 7 1.52 2.71 -7.16
CA GLY A 7 0.78 3.94 -7.51
C GLY A 7 0.38 4.64 -6.20
N LYS A 8 -0.84 4.34 -5.70
CA LYS A 8 -1.34 4.89 -4.42
C LYS A 8 -0.88 3.92 -3.29
N LEU A 9 0.25 4.25 -2.63
CA LEU A 9 0.86 3.40 -1.56
C LEU A 9 0.18 3.61 -0.17
N ILE A 10 -1.01 3.00 -0.01
CA ILE A 10 -1.82 3.08 1.24
C ILE A 10 -2.42 1.69 1.68
N THR A 12 -2.18 -0.35 4.41
CA THR A 12 -1.82 -0.56 5.83
C THR A 12 -2.99 -1.34 6.53
N THR A 13 -2.80 -2.65 6.75
CA THR A 13 -3.81 -3.52 7.41
C THR A 13 -3.74 -3.44 8.97
N ALA A 14 -2.62 -3.87 9.59
CA ALA A 14 -2.45 -3.84 11.06
C ALA A 14 -1.95 -2.46 11.56
N ILE A 2 8.19 1.31 -3.72
CA ILE A 2 6.79 0.85 -3.45
C ILE A 2 6.76 -0.55 -2.73
N TRP A 3 6.41 -0.56 -1.43
CA TRP A 3 6.32 -1.81 -0.62
C TRP A 3 5.08 -2.75 -0.85
N GLY A 4 4.11 -2.36 -1.68
CA GLY A 4 2.89 -3.17 -1.97
C GLY A 4 2.14 -2.66 -3.20
N ASP A 5 1.39 -1.56 -3.04
CA ASP A 5 0.58 -0.95 -4.14
C ASP A 5 1.48 -0.04 -5.04
N SER A 6 1.55 -0.35 -6.34
CA SER A 6 2.34 0.41 -7.33
C SER A 6 1.51 1.60 -7.91
N GLY A 7 1.52 2.71 -7.16
CA GLY A 7 0.79 3.95 -7.50
C GLY A 7 0.39 4.63 -6.20
N LYS A 8 -0.83 4.33 -5.69
CA LYS A 8 -1.34 4.89 -4.42
C LYS A 8 -0.88 3.92 -3.29
N LEU A 9 0.24 4.24 -2.63
CA LEU A 9 0.84 3.41 -1.56
C LEU A 9 0.18 3.60 -0.18
N ILE A 10 -1.01 3.01 -0.01
CA ILE A 10 -1.83 3.08 1.24
C ILE A 10 -2.43 1.69 1.68
N THR A 12 -2.17 -0.35 4.40
CA THR A 12 -1.81 -0.57 5.83
C THR A 12 -2.95 -1.35 6.53
N THR A 13 -2.77 -2.67 6.69
CA THR A 13 -3.77 -3.58 7.33
C THR A 13 -3.50 -3.70 8.86
N ALA A 14 -2.41 -4.37 9.29
CA ALA A 14 -2.07 -4.55 10.72
C ALA A 14 -1.28 -3.34 11.29
N ILE A 2 8.46 1.24 -3.66
CA ILE A 2 7.05 0.91 -3.29
C ILE A 2 6.99 -0.42 -2.46
N TRP A 3 6.58 -0.35 -1.19
CA TRP A 3 6.44 -1.56 -0.32
C TRP A 3 5.22 -2.51 -0.59
N GLY A 4 4.31 -2.19 -1.51
CA GLY A 4 3.13 -3.03 -1.82
C GLY A 4 2.39 -2.58 -3.09
N ASP A 5 1.58 -1.51 -2.98
CA ASP A 5 0.77 -0.97 -4.11
C ASP A 5 1.61 -0.09 -5.08
N SER A 6 1.48 -0.36 -6.40
CA SER A 6 2.20 0.37 -7.47
C SER A 6 1.35 1.60 -7.95
N GLY A 7 1.50 2.71 -7.21
CA GLY A 7 0.78 3.97 -7.49
C GLY A 7 0.38 4.63 -6.16
N LYS A 8 -0.85 4.34 -5.69
CA LYS A 8 -1.36 4.86 -4.40
C LYS A 8 -0.87 3.89 -3.28
N LEU A 9 0.24 4.26 -2.62
CA LEU A 9 0.87 3.42 -1.56
C LEU A 9 0.22 3.62 -0.15
N ILE A 10 -0.97 3.03 0.02
CA ILE A 10 -1.78 3.10 1.27
C ILE A 10 -2.40 1.71 1.68
N THR A 12 -2.24 -0.35 4.41
CA THR A 12 -1.93 -0.58 5.85
C THR A 12 -3.10 -1.37 6.49
N THR A 13 -2.91 -2.70 6.65
CA THR A 13 -3.93 -3.60 7.26
C THR A 13 -3.68 -3.72 8.79
N ALA A 14 -4.55 -3.06 9.59
CA ALA A 14 -4.44 -3.08 11.07
C ALA A 14 -5.15 -4.29 11.71
N ILE A 2 8.49 1.69 -3.98
CA ILE A 2 7.11 1.28 -3.57
C ILE A 2 7.17 -0.06 -2.75
N TRP A 3 6.81 -0.01 -1.45
CA TRP A 3 6.78 -1.24 -0.59
C TRP A 3 5.63 -2.28 -0.83
N GLY A 4 4.64 -1.98 -1.68
CA GLY A 4 3.52 -2.91 -1.97
C GLY A 4 2.66 -2.45 -3.17
N ASP A 5 1.82 -1.43 -2.96
CA ASP A 5 0.91 -0.90 -4.02
C ASP A 5 1.65 -0.01 -5.07
N SER A 6 1.46 -0.31 -6.36
CA SER A 6 2.08 0.41 -7.50
C SER A 6 1.18 1.58 -7.96
N GLY A 7 1.39 2.75 -7.34
CA GLY A 7 0.62 3.98 -7.63
C GLY A 7 0.28 4.67 -6.30
N LYS A 8 -0.91 4.38 -5.75
CA LYS A 8 -1.36 4.93 -4.45
C LYS A 8 -0.78 3.99 -3.35
N LEU A 9 0.33 4.41 -2.71
CA LEU A 9 1.03 3.60 -1.68
C LEU A 9 0.38 3.67 -0.27
N ILE A 10 -0.77 2.99 -0.12
CA ILE A 10 -1.54 2.91 1.14
C ILE A 10 -2.17 1.48 1.17
N THR A 12 -2.47 -0.59 4.64
CA THR A 12 -2.28 -0.86 6.09
C THR A 12 -3.66 -1.26 6.69
N THR A 13 -3.84 -2.56 6.99
CA THR A 13 -5.10 -3.09 7.57
C THR A 13 -5.03 -3.05 9.13
N ALA A 14 -5.76 -2.12 9.74
CA ALA A 14 -5.80 -1.94 11.21
C ALA A 14 -7.20 -1.49 11.66
N ILE A 2 8.51 1.68 -3.99
CA ILE A 2 7.14 1.28 -3.57
C ILE A 2 7.19 -0.05 -2.75
N TRP A 3 6.83 0.00 -1.44
CA TRP A 3 6.80 -1.22 -0.57
C TRP A 3 5.65 -2.26 -0.81
N GLY A 4 4.66 -1.97 -1.67
CA GLY A 4 3.53 -2.88 -1.96
C GLY A 4 2.68 -2.44 -3.16
N ASP A 5 1.83 -1.42 -2.96
CA ASP A 5 0.92 -0.90 -4.02
C ASP A 5 1.66 0.00 -5.05
N SER A 6 1.46 -0.31 -6.36
CA SER A 6 2.08 0.41 -7.49
C SER A 6 1.17 1.57 -7.96
N GLY A 7 1.37 2.75 -7.35
CA GLY A 7 0.60 3.98 -7.63
C GLY A 7 0.28 4.67 -6.31
N LYS A 8 -0.92 4.37 -5.75
CA LYS A 8 -1.36 4.93 -4.45
C LYS A 8 -0.78 3.99 -3.35
N LEU A 9 0.33 4.41 -2.71
CA LEU A 9 1.04 3.61 -1.69
C LEU A 9 0.39 3.67 -0.26
N ILE A 10 -0.75 2.99 -0.12
CA ILE A 10 -1.53 2.91 1.14
C ILE A 10 -2.15 1.48 1.17
N THR A 12 -2.49 -0.60 4.64
CA THR A 12 -2.31 -0.88 6.09
C THR A 12 -3.68 -1.26 6.69
N THR A 13 -3.81 -2.51 7.18
CA THR A 13 -5.07 -3.03 7.78
C THR A 13 -5.08 -2.72 9.31
N ALA A 14 -5.88 -1.72 9.73
CA ALA A 14 -6.00 -1.31 11.14
C ALA A 14 -7.10 -2.13 11.86
N ILE A 2 3.58 -2.84 4.29
CA ILE A 2 3.08 -2.64 2.89
C ILE A 2 2.88 -4.04 2.22
N TRP A 3 1.62 -4.42 1.98
CA TRP A 3 1.25 -5.73 1.34
C TRP A 3 1.22 -5.81 -0.22
N GLY A 4 1.34 -4.69 -0.96
CA GLY A 4 1.33 -4.71 -2.45
C GLY A 4 0.66 -3.44 -3.01
N ASP A 5 1.46 -2.45 -3.44
CA ASP A 5 0.94 -1.16 -3.99
C ASP A 5 1.82 -0.69 -5.19
N SER A 6 1.14 -0.16 -6.22
CA SER A 6 1.78 0.36 -7.45
C SER A 6 1.06 1.69 -7.80
N GLY A 7 1.72 2.83 -7.49
CA GLY A 7 1.16 4.18 -7.73
C GLY A 7 0.69 4.81 -6.41
N LYS A 8 -0.53 4.46 -5.98
CA LYS A 8 -1.13 4.95 -4.71
C LYS A 8 -0.65 4.04 -3.55
N LEU A 9 0.14 4.62 -2.61
CA LEU A 9 0.69 3.88 -1.44
C LEU A 9 -0.24 4.03 -0.21
N ILE A 10 -1.19 3.09 -0.10
CA ILE A 10 -2.17 3.03 1.02
C ILE A 10 -2.42 1.52 1.30
N THR A 12 -2.51 -0.55 4.79
CA THR A 12 -2.47 -0.78 6.26
C THR A 12 -2.78 -2.28 6.53
N THR A 13 -1.81 -3.03 7.09
CA THR A 13 -1.98 -4.47 7.40
C THR A 13 -2.81 -4.69 8.71
N ALA A 14 -3.88 -5.51 8.61
CA ALA A 14 -4.76 -5.82 9.76
C ALA A 14 -4.22 -7.01 10.58
N ILE A 2 0.67 -5.42 4.17
CA ILE A 2 1.12 -4.95 2.83
C ILE A 2 0.70 -5.98 1.74
N TRP A 3 -0.35 -5.65 0.94
CA TRP A 3 -0.87 -6.52 -0.16
C TRP A 3 -0.38 -6.21 -1.62
N GLY A 4 0.56 -5.27 -1.84
CA GLY A 4 1.07 -4.92 -3.20
C GLY A 4 0.54 -3.55 -3.63
N ASP A 5 1.40 -2.51 -3.62
CA ASP A 5 1.00 -1.12 -3.99
C ASP A 5 1.94 -0.53 -5.08
N SER A 6 1.33 0.00 -6.15
CA SER A 6 2.02 0.63 -7.29
C SER A 6 1.17 1.88 -7.65
N GLY A 7 1.69 3.08 -7.31
CA GLY A 7 0.96 4.35 -7.54
C GLY A 7 0.31 4.82 -6.22
N LYS A 8 -0.82 4.19 -5.85
CA LYS A 8 -1.55 4.47 -4.58
C LYS A 8 -0.82 3.69 -3.44
N LEU A 9 0.03 4.38 -2.66
CA LEU A 9 0.83 3.75 -1.57
C LEU A 9 0.14 3.87 -0.18
N ILE A 10 -0.86 3.00 0.06
CA ILE A 10 -1.60 2.94 1.35
C ILE A 10 -2.26 1.52 1.45
N THR A 12 -1.77 -0.81 4.57
CA THR A 12 -2.20 -1.10 5.96
C THR A 12 -3.12 0.07 6.43
N THR A 13 -4.45 -0.12 6.33
CA THR A 13 -5.46 0.90 6.72
C THR A 13 -5.92 0.66 8.18
N ALA A 14 -5.81 1.70 9.04
CA ALA A 14 -6.20 1.63 10.46
C ALA A 14 -7.70 2.01 10.63
N ILE A 2 3.25 -3.50 4.01
CA ILE A 2 2.88 -3.19 2.60
C ILE A 2 2.63 -4.52 1.82
N TRP A 3 1.35 -4.82 1.53
CA TRP A 3 0.94 -6.07 0.80
C TRP A 3 0.90 -6.04 -0.76
N GLY A 4 1.08 -4.89 -1.42
CA GLY A 4 1.06 -4.79 -2.90
C GLY A 4 0.44 -3.45 -3.34
N ASP A 5 1.29 -2.47 -3.68
CA ASP A 5 0.84 -1.11 -4.11
C ASP A 5 1.75 -0.59 -5.25
N SER A 6 1.13 -0.11 -6.34
CA SER A 6 1.82 0.45 -7.52
C SER A 6 1.17 1.83 -7.81
N GLY A 7 1.86 2.92 -7.41
CA GLY A 7 1.36 4.31 -7.58
C GLY A 7 0.79 4.85 -6.26
N LYS A 8 -0.47 4.47 -5.95
CA LYS A 8 -1.17 4.87 -4.70
C LYS A 8 -0.71 3.93 -3.55
N LEU A 9 0.07 4.47 -2.60
CA LEU A 9 0.61 3.72 -1.44
C LEU A 9 -0.35 3.85 -0.22
N ILE A 10 -1.29 2.90 -0.14
CA ILE A 10 -2.30 2.83 0.96
C ILE A 10 -2.51 1.31 1.27
N THR A 12 -2.29 -0.39 4.83
CA THR A 12 -2.14 -0.49 6.31
C THR A 12 -3.00 -1.69 6.81
N THR A 13 -2.32 -2.82 7.12
CA THR A 13 -3.00 -4.07 7.61
C THR A 13 -2.84 -4.17 9.16
N ALA A 14 -3.98 -4.26 9.87
CA ALA A 14 -3.99 -4.37 11.36
C ALA A 14 -3.89 -5.85 11.80
N ILE A 2 -1.73 -6.68 2.26
CA ILE A 2 -1.05 -5.94 1.15
C ILE A 2 -1.73 -6.33 -0.20
N TRP A 3 -2.49 -5.39 -0.79
CA TRP A 3 -3.21 -5.62 -2.10
C TRP A 3 -2.39 -5.40 -3.42
N GLY A 4 -1.10 -5.03 -3.35
CA GLY A 4 -0.26 -4.77 -4.56
C GLY A 4 -0.20 -3.26 -4.82
N ASP A 5 0.64 -2.55 -4.04
CA ASP A 5 0.78 -1.07 -4.13
C ASP A 5 1.79 -0.65 -5.24
N SER A 6 1.26 0.01 -6.29
CA SER A 6 2.03 0.52 -7.44
C SER A 6 1.35 1.87 -7.80
N GLY A 7 2.00 2.99 -7.42
CA GLY A 7 1.44 4.35 -7.65
C GLY A 7 0.78 4.84 -6.35
N LYS A 8 -0.44 4.34 -6.06
CA LYS A 8 -1.19 4.67 -4.83
C LYS A 8 -0.65 3.78 -3.67
N LEU A 9 -0.08 4.43 -2.62
CA LEU A 9 0.51 3.73 -1.45
C LEU A 9 -0.39 3.93 -0.21
N ILE A 10 -1.31 2.97 0.00
CA ILE A 10 -2.25 2.96 1.16
C ILE A 10 -2.54 1.45 1.47
N THR A 12 -2.32 -0.39 4.89
CA THR A 12 -2.16 -0.51 6.37
C THR A 12 -2.68 -1.91 6.84
N THR A 13 -1.78 -2.70 7.44
CA THR A 13 -2.11 -4.06 7.96
C THR A 13 -1.31 -4.32 9.28
N ALA A 14 -2.02 -4.77 10.34
CA ALA A 14 -1.41 -5.06 11.65
C ALA A 14 -0.89 -6.52 11.70
N ILE A 2 3.75 -3.18 2.84
CA ILE A 2 3.30 -3.06 1.42
C ILE A 2 2.72 -4.43 0.93
N TRP A 3 1.38 -4.54 0.82
CA TRP A 3 0.68 -5.77 0.31
C TRP A 3 0.04 -5.46 -1.07
N GLY A 4 0.91 -5.25 -2.07
CA GLY A 4 0.50 -4.94 -3.47
C GLY A 4 0.06 -3.48 -3.69
N ASP A 5 1.02 -2.58 -3.89
CA ASP A 5 0.75 -1.12 -4.12
C ASP A 5 1.73 -0.59 -5.20
N SER A 6 1.17 -0.06 -6.30
CA SER A 6 1.95 0.51 -7.43
C SER A 6 1.28 1.88 -7.77
N GLY A 7 1.95 2.98 -7.37
CA GLY A 7 1.43 4.35 -7.59
C GLY A 7 0.81 4.88 -6.28
N LYS A 8 -0.44 4.44 -5.99
CA LYS A 8 -1.17 4.82 -4.76
C LYS A 8 -0.73 3.84 -3.62
N LEU A 9 0.05 4.36 -2.65
CA LEU A 9 0.56 3.56 -1.50
C LEU A 9 -0.34 3.78 -0.26
N ILE A 10 -1.35 2.92 -0.15
CA ILE A 10 -2.33 2.92 0.98
C ILE A 10 -2.58 1.42 1.33
N THR A 12 -2.46 -0.42 4.87
CA THR A 12 -2.31 -0.49 6.36
C THR A 12 -2.38 -1.97 6.83
N THR A 13 -1.24 -2.52 7.30
CA THR A 13 -1.15 -3.93 7.78
C THR A 13 -1.67 -4.06 9.25
N ALA A 14 -2.59 -5.02 9.47
CA ALA A 14 -3.18 -5.26 10.82
C ALA A 14 -2.31 -6.28 11.61
N ILE A 2 2.72 -0.60 5.00
CA ILE A 2 2.30 -0.69 3.57
C ILE A 2 2.88 -2.01 2.94
N TRP A 3 2.01 -3.00 2.63
CA TRP A 3 2.47 -4.29 2.03
C TRP A 3 2.88 -4.30 0.52
N GLY A 4 2.32 -3.43 -0.32
CA GLY A 4 2.66 -3.38 -1.76
C GLY A 4 1.54 -2.83 -2.65
N ASP A 5 1.76 -1.63 -3.22
CA ASP A 5 0.77 -0.97 -4.12
C ASP A 5 1.57 -0.20 -5.21
N SER A 6 1.26 -0.45 -6.49
CA SER A 6 1.93 0.20 -7.65
C SER A 6 1.23 1.54 -8.01
N GLY A 7 1.64 2.61 -7.33
CA GLY A 7 1.09 3.97 -7.53
C GLY A 7 0.72 4.61 -6.18
N LYS A 8 -0.55 4.47 -5.77
CA LYS A 8 -1.07 5.01 -4.50
C LYS A 8 -0.69 4.06 -3.32
N LEU A 9 0.24 4.49 -2.47
CA LEU A 9 0.74 3.70 -1.32
C LEU A 9 -0.18 3.85 -0.07
N ILE A 10 -1.24 3.04 -0.05
CA ILE A 10 -2.24 3.01 1.05
C ILE A 10 -2.71 1.53 1.24
N THR A 12 -2.27 -0.35 4.64
CA THR A 12 -1.89 -0.57 6.07
C THR A 12 -2.54 -1.86 6.66
N THR A 13 -1.69 -2.84 7.01
CA THR A 13 -2.13 -4.14 7.60
C THR A 13 -1.62 -4.22 9.07
N ALA A 14 -2.56 -4.45 10.02
CA ALA A 14 -2.23 -4.56 11.46
C ALA A 14 -1.86 -6.00 11.84
N ILE A 2 2.70 -0.61 5.04
CA ILE A 2 2.30 -0.70 3.61
C ILE A 2 2.89 -1.99 2.97
N TRP A 3 2.04 -2.98 2.64
CA TRP A 3 2.50 -4.27 2.03
C TRP A 3 2.92 -4.27 0.52
N GLY A 4 2.35 -3.40 -0.31
CA GLY A 4 2.70 -3.33 -1.75
C GLY A 4 1.56 -2.79 -2.63
N ASP A 5 1.76 -1.60 -3.21
CA ASP A 5 0.77 -0.95 -4.12
C ASP A 5 1.57 -0.17 -5.20
N SER A 6 1.27 -0.46 -6.49
CA SER A 6 1.94 0.19 -7.65
C SER A 6 1.24 1.53 -8.03
N GLY A 7 1.63 2.59 -7.32
CA GLY A 7 1.08 3.96 -7.52
C GLY A 7 0.72 4.60 -6.18
N LYS A 8 -0.56 4.46 -5.77
CA LYS A 8 -1.07 5.01 -4.50
C LYS A 8 -0.70 4.05 -3.32
N LEU A 9 0.25 4.48 -2.47
CA LEU A 9 0.75 3.69 -1.32
C LEU A 9 -0.16 3.85 -0.07
N ILE A 10 -1.24 3.05 -0.05
CA ILE A 10 -2.23 3.02 1.06
C ILE A 10 -2.71 1.54 1.24
N THR A 12 -2.26 -0.36 4.65
CA THR A 12 -1.89 -0.58 6.07
C THR A 12 -2.57 -1.85 6.65
N THR A 13 -1.74 -2.87 6.95
CA THR A 13 -2.21 -4.17 7.53
C THR A 13 -1.79 -4.23 9.03
N ALA A 14 -2.79 -4.37 9.92
CA ALA A 14 -2.56 -4.44 11.39
C ALA A 14 -2.28 -5.90 11.83
N ILE A 2 3.10 -0.52 4.53
CA ILE A 2 2.49 -0.70 3.18
C ILE A 2 2.84 -2.13 2.66
N TRP A 3 1.84 -3.03 2.55
CA TRP A 3 2.07 -4.43 2.07
C TRP A 3 2.32 -4.67 0.55
N GLY A 4 1.90 -3.76 -0.35
CA GLY A 4 2.12 -3.93 -1.81
C GLY A 4 1.15 -3.10 -2.66
N ASP A 5 1.62 -1.95 -3.19
CA ASP A 5 0.82 -1.05 -4.04
C ASP A 5 1.74 -0.35 -5.09
N SER A 6 1.31 -0.37 -6.37
CA SER A 6 2.05 0.25 -7.49
C SER A 6 1.25 1.51 -7.95
N GLY A 7 1.59 2.67 -7.35
CA GLY A 7 0.92 3.96 -7.65
C GLY A 7 0.59 4.68 -6.32
N LYS A 8 -0.63 4.48 -5.81
CA LYS A 8 -1.10 5.07 -4.54
C LYS A 8 -0.73 4.10 -3.39
N LEU A 9 0.27 4.48 -2.57
CA LEU A 9 0.77 3.66 -1.44
C LEU A 9 -0.07 3.90 -0.15
N ILE A 10 -1.16 3.14 -0.05
CA ILE A 10 -2.10 3.17 1.10
C ILE A 10 -2.63 1.71 1.29
N THR A 12 -2.49 -0.47 4.70
CA THR A 12 -2.13 -0.74 6.13
C THR A 12 -2.29 -2.25 6.48
N THR A 13 -1.20 -2.88 6.95
CA THR A 13 -1.17 -4.32 7.34
C THR A 13 -1.71 -4.51 8.80
N ALA A 14 -2.69 -5.42 8.96
CA ALA A 14 -3.30 -5.72 10.28
C ALA A 14 -2.49 -6.81 11.01
N ILE A 2 -1.89 -6.83 2.27
CA ILE A 2 -1.24 -6.00 1.23
C ILE A 2 -1.90 -6.33 -0.16
N TRP A 3 -2.66 -5.37 -0.72
CA TRP A 3 -3.36 -5.53 -2.03
C TRP A 3 -2.54 -5.33 -3.35
N GLY A 4 -1.24 -4.99 -3.28
CA GLY A 4 -0.40 -4.74 -4.48
C GLY A 4 -0.30 -3.23 -4.75
N ASP A 5 0.62 -2.56 -4.03
CA ASP A 5 0.80 -1.09 -4.13
C ASP A 5 1.81 -0.68 -5.24
N SER A 6 1.31 0.07 -6.23
CA SER A 6 2.08 0.60 -7.37
C SER A 6 1.36 1.91 -7.76
N GLY A 7 1.96 3.07 -7.41
CA GLY A 7 1.33 4.40 -7.66
C GLY A 7 0.61 4.86 -6.38
N LYS A 8 -0.56 4.24 -6.10
CA LYS A 8 -1.37 4.49 -4.88
C LYS A 8 -0.68 3.71 -3.71
N LEU A 9 -0.15 4.44 -2.71
CA LEU A 9 0.58 3.83 -1.56
C LEU A 9 -0.23 3.99 -0.24
N ILE A 10 -1.13 3.03 0.02
CA ILE A 10 -1.98 3.00 1.26
C ILE A 10 -2.34 1.50 1.50
N THR A 12 -2.26 -0.62 4.90
CA THR A 12 -2.09 -0.86 6.35
C THR A 12 -3.45 -1.46 6.86
N THR A 13 -3.57 -2.80 6.79
CA THR A 13 -4.79 -3.53 7.22
C THR A 13 -4.42 -5.02 7.51
N ALA A 14 -4.95 -5.57 8.62
CA ALA A 14 -4.69 -6.97 9.02
C ALA A 14 -5.66 -7.94 8.33
N ILE A 2 -3.38 -5.54 2.72
CA ILE A 2 -2.65 -5.05 1.52
C ILE A 2 -3.69 -4.86 0.37
N TRP A 3 -3.93 -3.59 -0.03
CA TRP A 3 -4.94 -3.27 -1.09
C TRP A 3 -4.36 -2.73 -2.45
N GLY A 4 -3.15 -3.16 -2.84
CA GLY A 4 -2.50 -2.73 -4.11
C GLY A 4 -1.49 -1.58 -3.91
N ASP A 5 -0.19 -1.86 -4.14
CA ASP A 5 0.88 -0.84 -3.99
C ASP A 5 1.75 -0.78 -5.29
N SER A 6 1.31 0.11 -6.20
CA SER A 6 1.97 0.40 -7.50
C SER A 6 1.42 1.80 -7.86
N GLY A 7 2.08 2.86 -7.34
CA GLY A 7 1.61 4.26 -7.54
C GLY A 7 0.83 4.71 -6.29
N LYS A 8 -0.36 4.13 -6.07
CA LYS A 8 -1.23 4.39 -4.90
C LYS A 8 -0.59 3.69 -3.64
N LEU A 9 -0.18 4.48 -2.64
CA LEU A 9 0.47 3.95 -1.41
C LEU A 9 -0.45 4.10 -0.17
N ILE A 10 -1.30 3.08 0.03
CA ILE A 10 -2.25 2.98 1.18
C ILE A 10 -2.44 1.45 1.39
N THR A 12 -2.20 -0.41 4.87
CA THR A 12 -2.09 -0.66 6.34
C THR A 12 -2.66 -2.07 6.69
N THR A 13 -1.87 -2.89 7.40
CA THR A 13 -2.28 -4.28 7.80
C THR A 13 -3.30 -4.24 8.99
N ALA A 14 -4.59 -4.34 8.65
CA ALA A 14 -5.70 -4.32 9.64
C ALA A 14 -6.86 -5.20 9.15
N ILE A 2 1.63 -5.45 4.09
CA ILE A 2 1.55 -4.71 2.81
C ILE A 2 0.92 -5.65 1.73
N TRP A 3 -0.26 -5.29 1.22
CA TRP A 3 -1.02 -6.10 0.22
C TRP A 3 -0.68 -5.92 -1.29
N GLY A 4 0.34 -5.12 -1.65
CA GLY A 4 0.73 -4.88 -3.07
C GLY A 4 0.19 -3.52 -3.55
N ASP A 5 1.06 -2.50 -3.61
CA ASP A 5 0.67 -1.13 -4.05
C ASP A 5 1.69 -0.60 -5.10
N SER A 6 1.15 -0.14 -6.25
CA SER A 6 1.95 0.42 -7.37
C SER A 6 1.28 1.77 -7.77
N GLY A 7 1.91 2.88 -7.34
CA GLY A 7 1.39 4.25 -7.60
C GLY A 7 0.84 4.85 -6.29
N LYS A 8 -0.42 4.51 -5.96
CA LYS A 8 -1.09 4.98 -4.72
C LYS A 8 -0.68 4.01 -3.56
N LEU A 9 0.12 4.52 -2.61
CA LEU A 9 0.62 3.73 -1.47
C LEU A 9 -0.36 3.87 -0.26
N ILE A 10 -1.34 2.96 -0.22
CA ILE A 10 -2.37 2.91 0.85
C ILE A 10 -2.66 1.40 1.18
N THR A 12 -2.56 -0.51 4.85
CA THR A 12 -2.29 -0.60 6.33
C THR A 12 -1.76 -2.01 6.76
N THR A 13 -0.77 -2.06 7.67
CA THR A 13 -0.18 -3.33 8.16
C THR A 13 -1.12 -4.06 9.16
N ALA A 14 -1.84 -5.08 8.66
CA ALA A 14 -2.80 -5.88 9.46
C ALA A 14 -2.76 -7.35 8.99
N ILE A 2 0.30 -5.83 2.79
CA ILE A 2 0.41 -5.11 1.49
C ILE A 2 -0.49 -5.90 0.48
N TRP A 3 -1.54 -5.24 -0.04
CA TRP A 3 -2.51 -5.89 -1.00
C TRP A 3 -2.47 -5.25 -2.43
N GLY A 4 -1.27 -5.13 -3.01
CA GLY A 4 -1.07 -4.54 -4.36
C GLY A 4 -1.00 -3.00 -4.31
N ASP A 5 0.21 -2.45 -4.16
CA ASP A 5 0.43 -0.98 -4.08
C ASP A 5 1.61 -0.58 -5.00
N SER A 6 1.30 0.09 -6.12
CA SER A 6 2.26 0.59 -7.12
C SER A 6 1.62 1.90 -7.64
N GLY A 7 2.16 3.06 -7.20
CA GLY A 7 1.56 4.38 -7.55
C GLY A 7 0.70 4.83 -6.34
N LYS A 8 -0.44 4.15 -6.14
CA LYS A 8 -1.35 4.34 -4.99
C LYS A 8 -0.68 3.58 -3.81
N LEU A 9 -0.16 4.33 -2.82
CA LEU A 9 0.57 3.73 -1.66
C LEU A 9 -0.20 3.98 -0.33
N ILE A 10 -1.19 3.11 -0.05
CA ILE A 10 -2.02 3.18 1.19
C ILE A 10 -2.58 1.73 1.43
N THR A 12 -2.56 -0.57 4.95
CA THR A 12 -2.16 -0.79 6.39
C THR A 12 -1.60 -2.22 6.68
N THR A 13 -0.42 -2.31 7.32
CA THR A 13 0.23 -3.60 7.65
C THR A 13 -0.38 -4.21 8.94
N ALA A 14 -1.34 -5.14 8.75
CA ALA A 14 -2.05 -5.82 9.87
C ALA A 14 -1.44 -7.22 10.13
N ILE A 2 -3.42 -5.40 3.05
CA ILE A 2 -2.73 -5.02 1.79
C ILE A 2 -3.82 -4.76 0.71
N TRP A 3 -3.93 -3.50 0.23
CA TRP A 3 -4.96 -3.12 -0.80
C TRP A 3 -4.36 -2.46 -2.09
N GLY A 4 -3.24 -2.98 -2.61
CA GLY A 4 -2.60 -2.46 -3.84
C GLY A 4 -1.51 -1.40 -3.59
N ASP A 5 -0.26 -1.70 -4.00
CA ASP A 5 0.89 -0.76 -3.84
C ASP A 5 1.68 -0.69 -5.18
N SER A 6 1.21 0.19 -6.08
CA SER A 6 1.82 0.44 -7.40
C SER A 6 1.33 1.86 -7.77
N GLY A 7 2.08 2.88 -7.30
CA GLY A 7 1.70 4.31 -7.51
C GLY A 7 1.01 4.82 -6.22
N LYS A 8 -0.27 4.44 -6.03
CA LYS A 8 -1.05 4.79 -4.82
C LYS A 8 -0.61 3.83 -3.67
N LEU A 9 -0.03 4.39 -2.60
CA LEU A 9 0.46 3.60 -1.45
C LEU A 9 -0.57 3.66 -0.29
N ILE A 10 -1.48 2.67 -0.29
CA ILE A 10 -2.55 2.52 0.74
C ILE A 10 -2.57 1.01 1.14
N THR A 12 -2.11 -0.26 4.86
CA THR A 12 -1.96 -0.29 6.35
C THR A 12 -2.49 -1.64 6.93
N THR A 13 -1.60 -2.42 7.57
CA THR A 13 -1.96 -3.74 8.17
C THR A 13 -2.48 -3.54 9.62
N ALA A 14 -3.81 -3.63 9.80
CA ALA A 14 -4.46 -3.46 11.12
C ALA A 14 -4.62 -4.80 11.87
N ILE A 2 1.80 -4.11 4.71
CA ILE A 2 2.07 -3.72 3.29
C ILE A 2 1.71 -4.90 2.34
N TRP A 3 0.67 -4.72 1.51
CA TRP A 3 0.18 -5.77 0.56
C TRP A 3 0.61 -5.62 -0.94
N GLY A 4 1.44 -4.64 -1.31
CA GLY A 4 1.89 -4.42 -2.72
C GLY A 4 1.02 -3.35 -3.42
N ASP A 5 1.54 -2.12 -3.54
CA ASP A 5 0.81 -0.99 -4.18
C ASP A 5 1.73 -0.28 -5.20
N SER A 6 1.34 -0.30 -6.49
CA SER A 6 2.09 0.35 -7.60
C SER A 6 1.32 1.63 -8.03
N GLY A 7 1.63 2.75 -7.35
CA GLY A 7 1.00 4.06 -7.62
C GLY A 7 0.62 4.73 -6.29
N LYS A 8 -0.62 4.52 -5.82
CA LYS A 8 -1.12 5.08 -4.55
C LYS A 8 -0.75 4.08 -3.41
N LEU A 9 0.23 4.45 -2.57
CA LEU A 9 0.72 3.60 -1.45
C LEU A 9 -0.17 3.81 -0.19
N ILE A 10 -1.22 2.99 -0.12
CA ILE A 10 -2.20 2.97 1.00
C ILE A 10 -2.56 1.47 1.25
N THR A 12 -2.34 -0.77 4.82
CA THR A 12 -1.97 -0.94 6.25
C THR A 12 -3.21 -1.41 7.08
N THR A 13 -2.94 -2.18 8.15
CA THR A 13 -4.00 -2.72 9.07
C THR A 13 -4.46 -1.61 10.06
N ALA A 14 -5.71 -1.13 9.91
CA ALA A 14 -6.29 -0.09 10.78
C ALA A 14 -7.05 -0.72 11.96
N ILE A 2 3.31 -0.48 4.51
CA ILE A 2 2.67 -0.64 3.17
C ILE A 2 3.06 -2.03 2.58
N TRP A 3 2.04 -2.88 2.36
CA TRP A 3 2.24 -4.27 1.83
C TRP A 3 2.62 -4.45 0.33
N GLY A 4 2.43 -3.43 -0.52
CA GLY A 4 2.77 -3.49 -1.97
C GLY A 4 1.66 -2.91 -2.85
N ASP A 5 1.86 -1.66 -3.32
CA ASP A 5 0.87 -0.96 -4.19
C ASP A 5 1.64 -0.14 -5.26
N SER A 6 1.35 -0.41 -6.55
CA SER A 6 2.00 0.28 -7.69
C SER A 6 1.23 1.56 -8.09
N GLY A 7 1.51 2.65 -7.35
CA GLY A 7 0.87 3.97 -7.57
C GLY A 7 0.57 4.62 -6.21
N LYS A 8 -0.68 4.47 -5.72
CA LYS A 8 -1.10 5.03 -4.41
C LYS A 8 -0.66 4.06 -3.27
N LEU A 9 0.27 4.54 -2.42
CA LEU A 9 0.82 3.74 -1.29
C LEU A 9 -0.09 3.82 -0.05
N ILE A 10 -1.12 2.96 -0.03
CA ILE A 10 -2.11 2.87 1.07
C ILE A 10 -2.55 1.37 1.23
N THR A 12 -2.30 -0.67 4.63
CA THR A 12 -1.98 -0.90 6.07
C THR A 12 -3.26 -0.71 6.93
N THR A 13 -3.56 -1.70 7.78
CA THR A 13 -4.75 -1.67 8.69
C THR A 13 -4.24 -1.46 10.14
N ALA A 14 -4.51 -0.26 10.70
CA ALA A 14 -4.09 0.09 12.08
C ALA A 14 -5.19 -0.26 13.10
N ILE A 2 3.29 -0.41 4.59
CA ILE A 2 2.66 -0.58 3.25
C ILE A 2 3.08 -1.96 2.65
N TRP A 3 2.08 -2.83 2.42
CA TRP A 3 2.31 -4.22 1.88
C TRP A 3 2.69 -4.39 0.37
N GLY A 4 2.47 -3.37 -0.48
CA GLY A 4 2.80 -3.44 -1.92
C GLY A 4 1.68 -2.86 -2.80
N ASP A 5 1.86 -1.62 -3.30
CA ASP A 5 0.87 -0.94 -4.17
C ASP A 5 1.63 -0.12 -5.24
N SER A 6 1.36 -0.41 -6.53
CA SER A 6 2.00 0.27 -7.69
C SER A 6 1.20 1.54 -8.09
N GLY A 7 1.48 2.64 -7.37
CA GLY A 7 0.82 3.95 -7.59
C GLY A 7 0.55 4.62 -6.23
N LYS A 8 -0.68 4.47 -5.71
CA LYS A 8 -1.07 5.05 -4.40
C LYS A 8 -0.64 4.09 -3.27
N LEU A 9 0.30 4.55 -2.41
CA LEU A 9 0.85 3.75 -1.28
C LEU A 9 -0.09 3.82 -0.05
N ILE A 10 -1.11 2.95 -0.04
CA ILE A 10 -2.12 2.86 1.05
C ILE A 10 -2.54 1.36 1.19
N THR A 12 -2.31 -0.68 4.63
CA THR A 12 -1.99 -0.91 6.05
C THR A 12 -3.27 -0.72 6.91
N THR A 13 -3.63 -1.74 7.71
CA THR A 13 -4.83 -1.69 8.60
C THR A 13 -4.37 -1.34 10.05
N ALA A 14 -4.53 -0.06 10.42
CA ALA A 14 -4.13 0.44 11.76
C ALA A 14 -5.33 0.39 12.74
N ILE A 2 3.31 -0.43 4.55
CA ILE A 2 2.68 -0.59 3.22
C ILE A 2 3.06 -1.98 2.62
N TRP A 3 2.06 -2.84 2.40
CA TRP A 3 2.26 -4.22 1.87
C TRP A 3 2.67 -4.39 0.37
N GLY A 4 2.46 -3.37 -0.49
CA GLY A 4 2.82 -3.44 -1.93
C GLY A 4 1.69 -2.87 -2.81
N ASP A 5 1.87 -1.62 -3.29
CA ASP A 5 0.88 -0.94 -4.17
C ASP A 5 1.64 -0.13 -5.25
N SER A 6 1.37 -0.42 -6.54
CA SER A 6 2.00 0.27 -7.70
C SER A 6 1.21 1.54 -8.10
N GLY A 7 1.47 2.63 -7.37
CA GLY A 7 0.81 3.94 -7.59
C GLY A 7 0.55 4.61 -6.23
N LYS A 8 -0.68 4.47 -5.71
CA LYS A 8 -1.08 5.05 -4.40
C LYS A 8 -0.63 4.09 -3.26
N LEU A 9 0.29 4.55 -2.42
CA LEU A 9 0.85 3.75 -1.28
C LEU A 9 -0.08 3.83 -0.03
N ILE A 10 -1.11 2.96 -0.04
CA ILE A 10 -2.11 2.86 1.05
C ILE A 10 -2.53 1.36 1.20
N THR A 12 -2.32 -0.69 4.63
CA THR A 12 -2.00 -0.92 6.06
C THR A 12 -3.29 -0.74 6.92
N THR A 13 -3.56 -1.72 7.80
CA THR A 13 -4.74 -1.71 8.71
C THR A 13 -4.23 -1.51 10.17
N ALA A 14 -4.43 -0.30 10.72
CA ALA A 14 -4.00 0.05 12.09
C ALA A 14 -5.13 -0.22 13.11
N ILE A 2 3.35 -0.33 4.56
CA ILE A 2 2.71 -0.51 3.22
C ILE A 2 3.12 -1.90 2.63
N TRP A 3 2.12 -2.78 2.43
CA TRP A 3 2.35 -4.16 1.91
C TRP A 3 2.74 -4.35 0.40
N GLY A 4 2.51 -3.34 -0.46
CA GLY A 4 2.85 -3.41 -1.90
C GLY A 4 1.73 -2.85 -2.79
N ASP A 5 1.90 -1.62 -3.28
CA ASP A 5 0.91 -0.94 -4.16
C ASP A 5 1.66 -0.13 -5.26
N SER A 6 1.36 -0.43 -6.53
CA SER A 6 1.98 0.25 -7.70
C SER A 6 1.18 1.52 -8.10
N GLY A 7 1.45 2.62 -7.38
CA GLY A 7 0.79 3.93 -7.59
C GLY A 7 0.53 4.60 -6.24
N LYS A 8 -0.70 4.47 -5.71
CA LYS A 8 -1.08 5.06 -4.41
C LYS A 8 -0.63 4.10 -3.26
N LEU A 9 0.30 4.57 -2.42
CA LEU A 9 0.86 3.79 -1.29
C LEU A 9 -0.07 3.85 -0.04
N ILE A 10 -1.09 2.98 -0.03
CA ILE A 10 -2.09 2.87 1.07
C ILE A 10 -2.51 1.37 1.21
N THR A 12 -2.33 -0.70 4.62
CA THR A 12 -2.04 -0.94 6.06
C THR A 12 -3.35 -0.75 6.88
N THR A 13 -3.75 -1.79 7.63
CA THR A 13 -4.98 -1.76 8.49
C THR A 13 -4.56 -1.41 9.95
N ALA A 14 -4.76 -0.14 10.35
CA ALA A 14 -4.41 0.34 11.70
C ALA A 14 -5.59 0.16 12.69
N ILE A 2 3.24 -0.78 4.35
CA ILE A 2 2.59 -0.90 3.01
C ILE A 2 2.88 -2.32 2.42
N TRP A 3 1.80 -3.10 2.21
CA TRP A 3 1.90 -4.50 1.67
C TRP A 3 2.30 -4.69 0.17
N GLY A 4 2.14 -3.66 -0.68
CA GLY A 4 2.48 -3.75 -2.12
C GLY A 4 1.42 -3.04 -3.00
N ASP A 5 1.70 -1.78 -3.39
CA ASP A 5 0.78 -0.98 -4.24
C ASP A 5 1.63 -0.13 -5.22
N SER A 6 1.44 -0.35 -6.53
CA SER A 6 2.17 0.37 -7.61
C SER A 6 1.36 1.63 -8.06
N GLY A 7 1.53 2.73 -7.31
CA GLY A 7 0.83 4.01 -7.56
C GLY A 7 0.48 4.69 -6.24
N LYS A 8 -0.72 4.39 -5.70
CA LYS A 8 -1.19 4.95 -4.41
C LYS A 8 -0.74 3.99 -3.28
N LEU A 9 0.28 4.40 -2.49
CA LEU A 9 0.84 3.59 -1.39
C LEU A 9 0.00 3.75 -0.10
N ILE A 10 -1.07 2.95 -0.02
CA ILE A 10 -2.02 2.93 1.13
C ILE A 10 -2.55 1.47 1.27
N THR A 12 -2.31 -0.64 4.62
CA THR A 12 -1.93 -0.89 6.05
C THR A 12 -3.16 -0.69 7.00
N THR A 13 -3.19 -1.44 8.11
CA THR A 13 -4.27 -1.34 9.13
C THR A 13 -3.99 -0.15 10.10
N ALA A 14 -4.70 0.97 9.91
CA ALA A 14 -4.54 2.18 10.75
C ALA A 14 -5.55 2.18 11.91
N ILE A 2 0.78 -5.82 5.12
CA ILE A 2 1.08 -5.99 3.68
C ILE A 2 1.21 -4.59 2.98
N TRP A 3 2.42 -4.23 2.53
CA TRP A 3 2.69 -2.94 1.84
C TRP A 3 3.27 -3.25 0.43
N GLY A 4 2.38 -3.31 -0.57
CA GLY A 4 2.75 -3.59 -1.97
C GLY A 4 1.69 -3.00 -2.92
N ASP A 5 1.86 -1.72 -3.28
CA ASP A 5 0.91 -1.00 -4.18
C ASP A 5 1.71 -0.07 -5.13
N SER A 6 1.61 -0.32 -6.45
CA SER A 6 2.29 0.48 -7.49
C SER A 6 1.40 1.67 -7.96
N GLY A 7 1.42 2.75 -7.17
CA GLY A 7 0.62 3.98 -7.42
C GLY A 7 0.14 4.56 -6.08
N LYS A 8 -1.00 4.04 -5.57
CA LYS A 8 -1.57 4.48 -4.27
C LYS A 8 -0.86 3.70 -3.12
N LEU A 9 0.21 4.29 -2.56
CA LEU A 9 1.01 3.66 -1.47
C LEU A 9 0.42 3.83 -0.05
N ILE A 10 -0.67 3.07 0.22
CA ILE A 10 -1.37 3.04 1.54
C ILE A 10 -2.29 1.77 1.57
N THR A 12 -2.15 -0.88 4.25
CA THR A 12 -2.55 -1.19 5.64
C THR A 12 -2.17 0.04 6.51
N THR A 13 -3.19 0.85 6.89
CA THR A 13 -3.00 2.06 7.73
C THR A 13 -2.86 1.71 9.24
N ALA A 14 -1.74 2.13 9.85
CA ALA A 14 -1.45 1.86 11.29
C ALA A 14 -1.97 3.04 12.17
N ILE A 2 0.68 -5.73 5.30
CA ILE A 2 0.81 -5.90 3.83
C ILE A 2 0.98 -4.51 3.14
N TRP A 3 2.18 -4.23 2.58
CA TRP A 3 2.49 -2.96 1.88
C TRP A 3 3.11 -3.30 0.50
N GLY A 4 2.27 -3.28 -0.53
CA GLY A 4 2.68 -3.56 -1.92
C GLY A 4 1.65 -2.99 -2.90
N ASP A 5 1.82 -1.70 -3.28
CA ASP A 5 0.89 -1.00 -4.20
C ASP A 5 1.70 -0.07 -5.14
N SER A 6 1.60 -0.31 -6.46
CA SER A 6 2.30 0.48 -7.50
C SER A 6 1.41 1.69 -7.96
N GLY A 7 1.44 2.76 -7.16
CA GLY A 7 0.65 3.99 -7.41
C GLY A 7 0.15 4.56 -6.08
N LYS A 8 -0.99 4.05 -5.58
CA LYS A 8 -1.58 4.47 -4.28
C LYS A 8 -0.87 3.69 -3.13
N LEU A 9 0.20 4.28 -2.55
CA LEU A 9 1.00 3.65 -1.47
C LEU A 9 0.39 3.82 -0.04
N ILE A 10 -0.69 3.07 0.22
CA ILE A 10 -1.40 3.04 1.52
C ILE A 10 -2.30 1.76 1.57
N THR A 12 -2.05 -0.92 4.27
CA THR A 12 -2.44 -1.22 5.67
C THR A 12 -2.34 0.14 6.45
N THR A 13 -3.51 0.78 6.66
CA THR A 13 -3.60 2.09 7.38
C THR A 13 -3.69 1.85 8.92
N ALA A 14 -2.68 2.33 9.67
CA ALA A 14 -2.62 2.20 11.14
C ALA A 14 -2.03 3.48 11.75
N ILE A 2 0.54 -5.96 5.13
CA ILE A 2 0.74 -6.09 3.65
C ILE A 2 0.94 -4.68 2.99
N TRP A 3 2.15 -4.42 2.47
CA TRP A 3 2.49 -3.13 1.81
C TRP A 3 3.11 -3.45 0.41
N GLY A 4 2.25 -3.41 -0.61
CA GLY A 4 2.66 -3.67 -2.01
C GLY A 4 1.63 -3.06 -2.97
N ASP A 5 1.82 -1.76 -3.31
CA ASP A 5 0.90 -1.03 -4.21
C ASP A 5 1.72 -0.10 -5.15
N SER A 6 1.59 -0.31 -6.46
CA SER A 6 2.29 0.49 -7.50
C SER A 6 1.41 1.69 -7.96
N GLY A 7 1.44 2.77 -7.16
CA GLY A 7 0.65 4.00 -7.41
C GLY A 7 0.16 4.57 -6.07
N LYS A 8 -0.98 4.05 -5.57
CA LYS A 8 -1.57 4.46 -4.28
C LYS A 8 -0.87 3.69 -3.13
N LEU A 9 0.19 4.30 -2.54
CA LEU A 9 0.99 3.66 -1.46
C LEU A 9 0.38 3.82 -0.03
N ILE A 10 -0.71 3.08 0.22
CA ILE A 10 -1.42 3.04 1.53
C ILE A 10 -2.32 1.76 1.57
N THR A 12 -2.08 -0.88 4.27
CA THR A 12 -2.45 -1.19 5.67
C THR A 12 -2.26 0.13 6.47
N THR A 13 -3.36 0.83 6.77
CA THR A 13 -3.33 2.11 7.54
C THR A 13 -3.30 1.83 9.07
N ALA A 14 -2.17 2.18 9.72
CA ALA A 14 -1.97 1.99 11.17
C ALA A 14 -1.16 3.17 11.73
N ILE A 2 0.66 -5.91 5.09
CA ILE A 2 0.88 -6.11 3.62
C ILE A 2 1.05 -4.71 2.93
N TRP A 3 2.26 -4.40 2.44
CA TRP A 3 2.57 -3.11 1.76
C TRP A 3 3.17 -3.42 0.38
N GLY A 4 2.30 -3.41 -0.65
CA GLY A 4 2.71 -3.67 -2.05
C GLY A 4 1.66 -3.05 -3.01
N ASP A 5 1.82 -1.75 -3.31
CA ASP A 5 0.87 -1.01 -4.20
C ASP A 5 1.69 -0.08 -5.13
N SER A 6 1.61 -0.32 -6.45
CA SER A 6 2.31 0.48 -7.49
C SER A 6 1.42 1.69 -7.95
N GLY A 7 1.46 2.77 -7.16
CA GLY A 7 0.68 4.00 -7.43
C GLY A 7 0.20 4.59 -6.10
N LYS A 8 -0.96 4.12 -5.60
CA LYS A 8 -1.53 4.56 -4.31
C LYS A 8 -0.89 3.73 -3.16
N LEU A 9 0.20 4.26 -2.56
CA LEU A 9 0.95 3.58 -1.48
C LEU A 9 0.36 3.77 -0.06
N ILE A 10 -0.75 3.04 0.20
CA ILE A 10 -1.46 3.04 1.50
C ILE A 10 -2.35 1.75 1.58
N THR A 12 -2.08 -0.86 4.29
CA THR A 12 -2.44 -1.18 5.69
C THR A 12 -2.18 0.10 6.52
N THR A 13 -3.25 0.87 6.83
CA THR A 13 -3.15 2.13 7.62
C THR A 13 -3.07 1.84 9.15
N ALA A 14 -1.97 2.31 9.78
CA ALA A 14 -1.74 2.12 11.23
C ALA A 14 -1.10 3.41 11.81
N ILE A 2 0.08 -6.08 5.21
CA ILE A 2 0.35 -6.12 3.74
C ILE A 2 0.60 -4.67 3.19
N TRP A 3 1.82 -4.42 2.67
CA TRP A 3 2.19 -3.08 2.13
C TRP A 3 2.97 -3.24 0.80
N GLY A 4 2.23 -3.16 -0.33
CA GLY A 4 2.82 -3.29 -1.68
C GLY A 4 1.80 -2.84 -2.73
N ASP A 5 1.86 -1.55 -3.12
CA ASP A 5 0.92 -0.96 -4.10
C ASP A 5 1.69 -0.01 -5.06
N SER A 6 1.64 -0.29 -6.38
CA SER A 6 2.31 0.51 -7.43
C SER A 6 1.38 1.66 -7.93
N GLY A 7 1.37 2.76 -7.16
CA GLY A 7 0.54 3.96 -7.45
C GLY A 7 0.10 4.57 -6.12
N LYS A 8 -1.04 4.08 -5.56
CA LYS A 8 -1.58 4.53 -4.26
C LYS A 8 -0.87 3.71 -3.14
N LEU A 9 0.24 4.23 -2.61
CA LEU A 9 1.04 3.55 -1.55
C LEU A 9 0.50 3.72 -0.11
N ILE A 10 -0.60 3.01 0.18
CA ILE A 10 -1.27 2.99 1.52
C ILE A 10 -2.25 1.77 1.57
N THR A 12 -2.19 -0.88 4.22
CA THR A 12 -2.57 -1.18 5.62
C THR A 12 -2.08 0.04 6.46
N THR A 13 -3.03 0.89 6.89
CA THR A 13 -2.73 2.11 7.70
C THR A 13 -2.56 1.75 9.22
N ALA A 14 -1.40 2.13 9.79
CA ALA A 14 -1.09 1.87 11.21
C ALA A 14 -1.59 3.02 12.12
N ILE A 2 1.13 -3.67 5.98
CA ILE A 2 1.69 -4.00 4.64
C ILE A 2 1.67 -2.76 3.68
N TRP A 3 2.86 -2.21 3.35
CA TRP A 3 3.02 -1.05 2.44
C TRP A 3 3.63 -1.61 1.12
N GLY A 4 2.75 -1.95 0.17
CA GLY A 4 3.17 -2.49 -1.15
C GLY A 4 2.07 -2.35 -2.21
N ASP A 5 2.03 -1.19 -2.89
CA ASP A 5 1.03 -0.88 -3.94
C ASP A 5 1.70 0.04 -5.00
N SER A 6 1.60 -0.34 -6.29
CA SER A 6 2.17 0.42 -7.43
C SER A 6 1.22 1.56 -7.90
N GLY A 7 1.31 2.70 -7.20
CA GLY A 7 0.49 3.90 -7.47
C GLY A 7 0.13 4.55 -6.12
N LYS A 8 -1.01 4.14 -5.54
CA LYS A 8 -1.48 4.64 -4.22
C LYS A 8 -0.81 3.75 -3.12
N LEU A 9 0.33 4.20 -2.58
CA LEU A 9 1.11 3.46 -1.54
C LEU A 9 0.57 3.59 -0.09
N ILE A 10 -0.60 2.96 0.16
CA ILE A 10 -1.27 2.95 1.49
C ILE A 10 -2.32 1.78 1.51
N THR A 12 -2.30 -0.86 4.12
CA THR A 12 -2.62 -1.08 5.54
C THR A 12 -1.60 -0.17 6.31
N THR A 13 -2.11 0.72 7.19
CA THR A 13 -1.27 1.65 7.98
C THR A 13 -0.34 0.94 9.02
N ALA A 14 0.96 1.25 8.97
CA ALA A 14 1.97 0.66 9.88
C ALA A 14 2.17 1.56 11.13
N ILE A 2 0.78 -5.85 5.14
CA ILE A 2 0.97 -6.06 3.68
C ILE A 2 1.12 -4.67 2.97
N TRP A 3 2.33 -4.33 2.48
CA TRP A 3 2.61 -3.04 1.78
C TRP A 3 3.20 -3.35 0.38
N GLY A 4 2.32 -3.37 -0.63
CA GLY A 4 2.71 -3.62 -2.04
C GLY A 4 1.66 -3.03 -2.98
N ASP A 5 1.80 -1.73 -3.30
CA ASP A 5 0.85 -1.00 -4.18
C ASP A 5 1.66 -0.06 -5.12
N SER A 6 1.60 -0.32 -6.44
CA SER A 6 2.31 0.47 -7.47
C SER A 6 1.44 1.68 -7.96
N GLY A 7 1.48 2.76 -7.17
CA GLY A 7 0.70 4.00 -7.44
C GLY A 7 0.25 4.60 -6.11
N LYS A 8 -0.93 4.18 -5.61
CA LYS A 8 -1.49 4.64 -4.33
C LYS A 8 -0.90 3.76 -3.19
N LEU A 9 0.20 4.25 -2.57
CA LEU A 9 0.93 3.54 -1.49
C LEU A 9 0.31 3.75 -0.08
N ILE A 10 -0.79 3.01 0.19
CA ILE A 10 -1.52 3.02 1.48
C ILE A 10 -2.38 1.72 1.58
N THR A 12 -2.05 -0.87 4.31
CA THR A 12 -2.40 -1.18 5.72
C THR A 12 -2.15 0.13 6.54
N THR A 13 -3.23 0.87 6.83
CA THR A 13 -3.15 2.14 7.61
C THR A 13 -3.05 1.86 9.14
N ALA A 14 -1.94 2.29 9.76
CA ALA A 14 -1.69 2.10 11.21
C ALA A 14 -1.01 3.36 11.80
N ILE A 2 0.86 -5.64 5.37
CA ILE A 2 0.98 -5.82 3.90
C ILE A 2 1.10 -4.44 3.19
N TRP A 3 2.28 -4.14 2.61
CA TRP A 3 2.54 -2.86 1.90
C TRP A 3 3.16 -3.21 0.50
N GLY A 4 2.31 -3.22 -0.52
CA GLY A 4 2.71 -3.52 -1.91
C GLY A 4 1.67 -2.97 -2.90
N ASP A 5 1.79 -1.67 -3.25
CA ASP A 5 0.84 -0.99 -4.16
C ASP A 5 1.64 -0.04 -5.10
N SER A 6 1.60 -0.31 -6.42
CA SER A 6 2.31 0.47 -7.47
C SER A 6 1.43 1.67 -7.95
N GLY A 7 1.47 2.76 -7.17
CA GLY A 7 0.70 3.99 -7.44
C GLY A 7 0.24 4.61 -6.13
N LYS A 8 -0.93 4.18 -5.62
CA LYS A 8 -1.50 4.65 -4.34
C LYS A 8 -0.91 3.77 -3.19
N LEU A 9 0.19 4.25 -2.59
CA LEU A 9 0.92 3.53 -1.51
C LEU A 9 0.31 3.75 -0.09
N ILE A 10 -0.76 3.00 0.18
CA ILE A 10 -1.49 3.01 1.48
C ILE A 10 -2.36 1.71 1.58
N THR A 12 -2.00 -0.91 4.32
CA THR A 12 -2.35 -1.20 5.73
C THR A 12 -2.28 0.16 6.48
N THR A 13 -3.44 0.82 6.68
CA THR A 13 -3.52 2.12 7.39
C THR A 13 -3.58 1.94 8.94
N ALA A 14 -2.60 2.52 9.64
CA ALA A 14 -2.51 2.44 11.13
C ALA A 14 -3.28 3.59 11.82
N ILE A 2 5.75 1.08 1.16
CA ILE A 2 5.08 0.28 0.09
C ILE A 2 4.60 -1.09 0.66
N TRP A 3 3.35 -1.45 0.34
CA TRP A 3 2.73 -2.72 0.85
C TRP A 3 1.98 -3.44 -0.31
N GLY A 4 2.74 -3.94 -1.29
CA GLY A 4 2.16 -4.65 -2.47
C GLY A 4 1.86 -3.75 -3.68
N ASP A 5 0.84 -2.88 -3.55
CA ASP A 5 0.40 -1.96 -4.63
C ASP A 5 1.44 -0.82 -4.97
N SER A 6 1.74 -0.67 -6.27
CA SER A 6 2.70 0.33 -6.79
C SER A 6 1.92 1.47 -7.51
N GLY A 7 1.57 2.50 -6.74
CA GLY A 7 0.83 3.67 -7.27
C GLY A 7 0.37 4.54 -6.09
N LYS A 8 -0.89 4.33 -5.63
CA LYS A 8 -1.47 5.05 -4.47
C LYS A 8 -0.98 4.30 -3.20
N LEU A 9 0.01 4.90 -2.49
CA LEU A 9 0.63 4.27 -1.29
C LEU A 9 -0.15 4.45 0.04
N ILE A 10 -1.21 3.64 0.17
CA ILE A 10 -2.08 3.58 1.38
C ILE A 10 -2.70 2.14 1.39
N THR A 12 -1.77 -0.45 4.19
CA THR A 12 -1.23 -1.05 5.44
C THR A 12 -2.21 -2.12 6.00
N THR A 13 -1.85 -3.41 5.87
CA THR A 13 -2.67 -4.55 6.34
C THR A 13 -1.73 -5.71 6.78
N ALA A 14 -1.88 -6.19 8.03
CA ALA A 14 -1.06 -7.29 8.59
C ALA A 14 -1.69 -8.66 8.26
N ILE A 2 6.03 1.64 0.75
CA ILE A 2 5.34 0.77 -0.24
C ILE A 2 5.02 -0.61 0.41
N TRP A 3 3.77 -1.09 0.22
CA TRP A 3 3.31 -2.37 0.82
C TRP A 3 2.51 -3.20 -0.24
N GLY A 4 3.25 -3.73 -1.23
CA GLY A 4 2.64 -4.55 -2.32
C GLY A 4 2.23 -3.75 -3.57
N ASP A 5 1.14 -2.97 -3.45
CA ASP A 5 0.60 -2.15 -4.58
C ASP A 5 1.50 -0.92 -4.95
N SER A 6 1.80 -0.78 -6.27
CA SER A 6 2.63 0.31 -6.81
C SER A 6 1.73 1.35 -7.55
N GLY A 7 1.33 2.38 -6.81
CA GLY A 7 0.47 3.47 -7.33
C GLY A 7 0.11 4.40 -6.17
N LYS A 8 -1.04 4.14 -5.51
CA LYS A 8 -1.50 4.93 -4.35
C LYS A 8 -0.80 4.34 -3.09
N LEU A 9 0.09 5.13 -2.45
CA LEU A 9 0.86 4.67 -1.26
C LEU A 9 0.06 4.81 0.08
N ILE A 10 -0.95 3.92 0.23
CA ILE A 10 -1.83 3.83 1.41
C ILE A 10 -2.43 2.39 1.32
N THR A 12 -2.48 -0.74 4.15
CA THR A 12 -2.07 -1.32 5.47
C THR A 12 -1.96 -2.88 5.39
N THR A 13 -0.73 -3.37 5.19
CA THR A 13 -0.44 -4.83 5.07
C THR A 13 1.06 -5.06 5.43
N ALA A 14 1.33 -6.04 6.32
CA ALA A 14 2.70 -6.38 6.76
C ALA A 14 3.36 -7.38 5.78
N ILE A 2 5.55 1.79 0.95
CA ILE A 2 4.92 0.89 -0.07
C ILE A 2 4.59 -0.49 0.57
N TRP A 3 3.35 -0.96 0.34
CA TRP A 3 2.86 -2.25 0.90
C TRP A 3 2.10 -3.06 -0.19
N GLY A 4 2.84 -3.55 -1.20
CA GLY A 4 2.26 -4.35 -2.30
C GLY A 4 1.94 -3.55 -3.58
N ASP A 5 0.84 -2.78 -3.55
CA ASP A 5 0.39 -1.96 -4.71
C ASP A 5 1.31 -0.74 -5.02
N SER A 6 1.80 -0.67 -6.28
CA SER A 6 2.69 0.40 -6.77
C SER A 6 1.87 1.48 -7.52
N GLY A 7 1.51 2.51 -6.77
CA GLY A 7 0.71 3.65 -7.28
C GLY A 7 0.14 4.42 -6.07
N LYS A 8 -0.94 3.88 -5.49
CA LYS A 8 -1.60 4.45 -4.29
C LYS A 8 -0.76 4.03 -3.04
N LEU A 9 -0.07 4.98 -2.40
CA LEU A 9 0.79 4.70 -1.21
C LEU A 9 0.01 4.73 0.15
N ILE A 10 -0.99 3.84 0.27
CA ILE A 10 -1.83 3.67 1.49
C ILE A 10 -2.48 2.25 1.33
N THR A 12 -1.87 -0.50 4.06
CA THR A 12 -1.45 -1.17 5.32
C THR A 12 -2.59 -2.13 5.80
N THR A 13 -2.39 -3.44 5.60
CA THR A 13 -3.37 -4.49 5.99
C THR A 13 -2.60 -5.79 6.36
N ALA A 14 -2.92 -6.36 7.55
CA ALA A 14 -2.27 -7.60 8.04
C ALA A 14 -3.03 -8.85 7.53
N ILE A 2 5.73 0.97 1.12
CA ILE A 2 5.05 0.17 0.05
C ILE A 2 4.54 -1.18 0.65
N TRP A 3 3.28 -1.53 0.33
CA TRP A 3 2.64 -2.77 0.85
C TRP A 3 1.86 -3.48 -0.30
N GLY A 4 2.61 -4.02 -1.28
CA GLY A 4 2.01 -4.71 -2.45
C GLY A 4 1.75 -3.79 -3.66
N ASP A 5 0.74 -2.91 -3.55
CA ASP A 5 0.35 -1.95 -4.62
C ASP A 5 1.43 -0.83 -4.88
N SER A 6 1.72 -0.59 -6.17
CA SER A 6 2.71 0.41 -6.62
C SER A 6 1.95 1.53 -7.40
N GLY A 7 1.61 2.61 -6.68
CA GLY A 7 0.88 3.76 -7.25
C GLY A 7 0.30 4.59 -6.10
N LYS A 8 -0.91 4.23 -5.65
CA LYS A 8 -1.59 4.88 -4.51
C LYS A 8 -1.06 4.19 -3.23
N LEU A 9 -0.03 4.78 -2.60
CA LEU A 9 0.66 4.21 -1.42
C LEU A 9 -0.05 4.43 -0.05
N ILE A 10 -1.11 3.64 0.15
CA ILE A 10 -1.92 3.60 1.40
C ILE A 10 -2.62 2.20 1.40
N THR A 12 -1.78 -0.45 4.16
CA THR A 12 -1.22 -1.09 5.40
C THR A 12 -2.23 -2.12 5.98
N THR A 13 -1.89 -3.41 5.88
CA THR A 13 -2.74 -4.54 6.39
C THR A 13 -2.43 -4.82 7.89
N ALA A 14 -3.47 -4.78 8.74
CA ALA A 14 -3.33 -5.03 10.20
C ALA A 14 -3.45 -6.54 10.51
N ILE A 2 0.57 -5.65 5.54
CA ILE A 2 0.59 -5.85 4.06
C ILE A 2 0.89 -4.48 3.35
N TRP A 3 2.08 -4.35 2.77
CA TRP A 3 2.51 -3.12 2.04
C TRP A 3 3.13 -3.54 0.68
N GLY A 4 2.31 -3.45 -0.37
CA GLY A 4 2.72 -3.81 -1.75
C GLY A 4 1.74 -3.19 -2.76
N ASP A 5 2.00 -1.92 -3.14
CA ASP A 5 1.12 -1.17 -4.09
C ASP A 5 1.97 -0.32 -5.09
N SER A 6 1.47 -0.21 -6.32
CA SER A 6 2.11 0.57 -7.41
C SER A 6 1.14 1.72 -7.81
N GLY A 7 1.41 2.91 -7.27
CA GLY A 7 0.58 4.12 -7.52
C GLY A 7 0.13 4.70 -6.16
N LYS A 8 -0.97 4.17 -5.61
CA LYS A 8 -1.52 4.59 -4.29
C LYS A 8 -0.83 3.72 -3.19
N LEU A 9 0.23 4.25 -2.56
CA LEU A 9 1.01 3.54 -1.50
C LEU A 9 0.40 3.74 -0.09
N ILE A 10 -0.69 3.00 0.18
CA ILE A 10 -1.40 3.00 1.49
C ILE A 10 -2.31 1.73 1.55
N THR A 12 -2.13 -0.84 4.26
CA THR A 12 -2.51 -1.14 5.65
C THR A 12 -2.31 0.19 6.46
N THR A 13 -3.41 0.73 7.02
CA THR A 13 -3.37 1.99 7.81
C THR A 13 -2.90 1.69 9.27
N ALA A 14 -1.62 2.03 9.57
CA ALA A 14 -1.02 1.80 10.91
C ALA A 14 -1.26 3.03 11.82
N ILE A 2 2.81 -6.47 4.65
CA ILE A 2 2.90 -6.55 3.17
C ILE A 2 2.64 -5.12 2.56
N TRP A 3 3.68 -4.50 2.01
CA TRP A 3 3.60 -3.15 1.40
C TRP A 3 4.11 -3.23 -0.06
N GLY A 4 3.17 -3.43 -1.00
CA GLY A 4 3.46 -3.51 -2.45
C GLY A 4 2.25 -2.96 -3.23
N ASP A 5 2.24 -1.63 -3.43
CA ASP A 5 1.13 -0.93 -4.14
C ASP A 5 1.74 -0.01 -5.23
N SER A 6 1.50 -0.35 -6.51
CA SER A 6 2.02 0.40 -7.67
C SER A 6 1.03 1.54 -8.09
N GLY A 7 1.16 2.68 -7.41
CA GLY A 7 0.31 3.87 -7.63
C GLY A 7 0.13 4.61 -6.30
N LYS A 8 -0.99 4.32 -5.59
CA LYS A 8 -1.28 4.93 -4.28
C LYS A 8 -0.69 3.99 -3.19
N LEU A 9 0.34 4.48 -2.46
CA LEU A 9 1.03 3.70 -1.40
C LEU A 9 0.27 3.80 -0.06
N ILE A 10 -0.70 2.90 0.11
CA ILE A 10 -1.55 2.80 1.34
C ILE A 10 -2.02 1.32 1.53
N THR A 12 -2.54 -0.59 4.46
CA THR A 12 -2.81 -0.74 5.91
C THR A 12 -4.30 -0.30 6.11
N THR A 13 -5.16 -1.26 6.48
CA THR A 13 -6.61 -0.99 6.71
C THR A 13 -6.84 -0.62 8.21
N ALA A 14 -6.97 0.68 8.50
CA ALA A 14 -7.18 1.19 9.87
C ALA A 14 -8.24 2.30 9.83
N ILE A 2 2.82 -6.24 5.03
CA ILE A 2 2.99 -6.24 3.55
C ILE A 2 2.48 -4.89 2.94
N TRP A 3 3.39 -3.97 2.59
CA TRP A 3 3.05 -2.66 1.97
C TRP A 3 3.54 -2.72 0.49
N GLY A 4 2.65 -3.16 -0.41
CA GLY A 4 2.96 -3.30 -1.86
C GLY A 4 1.80 -2.82 -2.74
N ASP A 5 1.89 -1.55 -3.20
CA ASP A 5 0.86 -0.94 -4.08
C ASP A 5 1.60 -0.10 -5.16
N SER A 6 1.39 -0.44 -6.44
CA SER A 6 2.01 0.25 -7.59
C SER A 6 1.17 1.48 -8.06
N GLY A 7 1.42 2.61 -7.39
CA GLY A 7 0.74 3.89 -7.66
C GLY A 7 0.50 4.62 -6.33
N LYS A 8 -0.69 4.42 -5.74
CA LYS A 8 -1.06 5.04 -4.44
C LYS A 8 -0.62 4.07 -3.30
N LEU A 9 0.37 4.49 -2.49
CA LEU A 9 0.91 3.66 -1.37
C LEU A 9 0.03 3.85 -0.10
N ILE A 10 -1.02 3.02 -0.02
CA ILE A 10 -1.98 3.01 1.11
C ILE A 10 -2.51 1.55 1.34
N THR A 12 -2.67 -0.43 4.60
CA THR A 12 -2.52 -0.54 6.08
C THR A 12 -2.53 -2.02 6.57
N THR A 13 -1.33 -2.49 6.93
CA THR A 13 -1.10 -3.89 7.39
C THR A 13 -0.11 -3.85 8.59
N ALA A 14 -0.43 -4.57 9.67
CA ALA A 14 0.42 -4.64 10.89
C ALA A 14 1.60 -5.65 10.75
N ILE A 2 -1.57 -8.92 3.22
CA ILE A 2 -1.93 -8.42 1.86
C ILE A 2 -1.12 -7.13 1.56
N TRP A 3 -0.25 -7.18 0.54
CA TRP A 3 0.60 -6.02 0.16
C TRP A 3 0.87 -6.02 -1.38
N GLY A 4 0.19 -5.12 -2.10
CA GLY A 4 0.36 -4.95 -3.56
C GLY A 4 -0.02 -3.51 -3.92
N ASP A 5 0.95 -2.59 -3.82
CA ASP A 5 0.73 -1.14 -4.09
C ASP A 5 1.75 -0.62 -5.13
N SER A 6 1.23 -0.02 -6.22
CA SER A 6 2.02 0.55 -7.32
C SER A 6 1.35 1.92 -7.67
N GLY A 7 1.98 3.03 -7.25
CA GLY A 7 1.44 4.39 -7.46
C GLY A 7 0.81 4.89 -6.15
N LYS A 8 -0.44 4.46 -5.87
CA LYS A 8 -1.16 4.83 -4.63
C LYS A 8 -0.72 3.84 -3.51
N LEU A 9 -0.03 4.35 -2.48
CA LEU A 9 0.48 3.54 -1.34
C LEU A 9 -0.47 3.69 -0.14
N ILE A 10 -1.46 2.78 -0.06
CA ILE A 10 -2.45 2.74 1.05
C ILE A 10 -2.86 1.28 1.42
N THR A 12 -1.35 -0.64 4.53
CA THR A 12 -1.40 -0.80 6.02
C THR A 12 -2.32 0.31 6.59
N THR A 13 -3.61 -0.01 6.79
CA THR A 13 -4.62 0.95 7.32
C THR A 13 -4.91 0.61 8.80
N ALA A 14 -4.35 1.42 9.72
CA ALA A 14 -4.53 1.23 11.18
C ALA A 14 -5.82 1.91 11.72
N ILE A 2 1.40 -6.48 4.21
CA ILE A 2 2.01 -6.53 2.85
C ILE A 2 1.98 -5.10 2.22
N TRP A 3 3.15 -4.44 2.13
CA TRP A 3 3.27 -3.07 1.54
C TRP A 3 3.92 -3.19 0.13
N GLY A 4 3.05 -3.38 -0.87
CA GLY A 4 3.46 -3.50 -2.29
C GLY A 4 2.30 -3.00 -3.17
N ASP A 5 2.21 -1.67 -3.35
CA ASP A 5 1.13 -1.03 -4.14
C ASP A 5 1.78 -0.01 -5.13
N SER A 6 1.63 -0.25 -6.44
CA SER A 6 2.17 0.61 -7.51
C SER A 6 1.13 1.69 -7.91
N GLY A 7 1.24 2.85 -7.25
CA GLY A 7 0.35 4.01 -7.47
C GLY A 7 -0.04 4.59 -6.10
N LYS A 8 -1.14 4.06 -5.52
CA LYS A 8 -1.63 4.49 -4.18
C LYS A 8 -0.87 3.65 -3.11
N LEU A 9 0.24 4.20 -2.57
CA LEU A 9 1.08 3.50 -1.56
C LEU A 9 0.56 3.71 -0.10
N ILE A 10 -0.50 2.95 0.22
CA ILE A 10 -1.16 2.94 1.55
C ILE A 10 -1.98 1.61 1.62
N THR A 12 -2.10 -0.76 4.40
CA THR A 12 -2.73 -0.95 5.72
C THR A 12 -3.54 0.34 6.07
N THR A 13 -4.87 0.30 5.81
CA THR A 13 -5.78 1.45 6.06
C THR A 13 -6.48 1.26 7.45
N ALA A 14 -6.12 2.12 8.43
CA ALA A 14 -6.69 2.06 9.79
C ALA A 14 -8.03 2.84 9.91
N ILE A 2 0.59 -7.79 4.69
CA ILE A 2 0.20 -7.69 3.25
C ILE A 2 0.51 -6.25 2.75
N TRP A 3 1.46 -6.14 1.80
CA TRP A 3 1.87 -4.83 1.23
C TRP A 3 2.35 -5.05 -0.24
N GLY A 4 1.53 -4.59 -1.20
CA GLY A 4 1.84 -4.70 -2.64
C GLY A 4 1.07 -3.60 -3.39
N ASP A 5 1.69 -2.42 -3.55
CA ASP A 5 1.05 -1.25 -4.22
C ASP A 5 2.01 -0.54 -5.23
N SER A 6 1.42 -0.01 -6.30
CA SER A 6 2.11 0.73 -7.36
C SER A 6 1.18 1.92 -7.74
N GLY A 7 1.52 3.13 -7.26
CA GLY A 7 0.70 4.35 -7.48
C GLY A 7 0.13 4.83 -6.14
N LYS A 8 -0.99 4.22 -5.70
CA LYS A 8 -1.63 4.53 -4.40
C LYS A 8 -0.91 3.68 -3.31
N LEU A 9 0.11 4.28 -2.67
CA LEU A 9 0.94 3.59 -1.65
C LEU A 9 0.35 3.70 -0.21
N ILE A 10 -0.68 2.88 0.07
CA ILE A 10 -1.35 2.82 1.40
C ILE A 10 -2.11 1.47 1.55
N THR A 12 -2.45 -0.50 4.45
CA THR A 12 -2.47 -0.72 5.91
C THR A 12 -3.48 0.28 6.56
N THR A 13 -4.33 -0.22 7.47
CA THR A 13 -5.35 0.61 8.18
C THR A 13 -4.69 1.25 9.45
N ALA A 14 -4.28 2.52 9.33
CA ALA A 14 -3.63 3.27 10.44
C ALA A 14 -4.04 4.75 10.37
N ILE A 2 2.53 -6.19 5.04
CA ILE A 2 2.57 -6.31 3.56
C ILE A 2 2.38 -4.90 2.92
N TRP A 3 3.45 -4.35 2.32
CA TRP A 3 3.44 -3.02 1.66
C TRP A 3 3.96 -3.18 0.21
N GLY A 4 3.02 -3.30 -0.74
CA GLY A 4 3.34 -3.46 -2.18
C GLY A 4 2.16 -2.93 -3.02
N ASP A 5 2.19 -1.62 -3.35
CA ASP A 5 1.12 -0.96 -4.13
C ASP A 5 1.77 -0.11 -5.26
N SER A 6 1.42 -0.39 -6.52
CA SER A 6 1.95 0.33 -7.71
C SER A 6 1.00 1.51 -8.08
N GLY A 7 1.26 2.67 -7.45
CA GLY A 7 0.47 3.90 -7.66
C GLY A 7 0.27 4.60 -6.32
N LYS A 8 -0.89 4.37 -5.68
CA LYS A 8 -1.21 4.96 -4.36
C LYS A 8 -0.65 4.04 -3.24
N LEU A 9 0.32 4.56 -2.46
CA LEU A 9 0.98 3.80 -1.36
C LEU A 9 0.16 3.90 -0.05
N ILE A 10 -0.81 2.97 0.07
CA ILE A 10 -1.70 2.86 1.25
C ILE A 10 -2.16 1.37 1.43
N THR A 12 -2.53 -0.66 4.54
CA THR A 12 -2.62 -0.86 6.01
C THR A 12 -4.10 -0.70 6.47
N THR A 13 -4.60 -1.67 7.25
CA THR A 13 -5.99 -1.65 7.78
C THR A 13 -6.03 -0.89 9.14
N ALA A 14 -6.49 0.38 9.11
CA ALA A 14 -6.58 1.23 10.33
C ALA A 14 -7.95 1.03 11.03
N ILE A 2 0.03 -5.69 4.56
CA ILE A 2 0.84 -6.13 3.39
C ILE A 2 1.13 -4.89 2.50
N TRP A 3 2.37 -4.37 2.51
CA TRP A 3 2.76 -3.18 1.70
C TRP A 3 3.26 -3.61 0.29
N GLY A 4 2.30 -3.75 -0.63
CA GLY A 4 2.55 -4.13 -2.03
C GLY A 4 1.60 -3.34 -2.94
N ASP A 5 2.01 -2.12 -3.34
CA ASP A 5 1.19 -1.23 -4.21
C ASP A 5 2.06 -0.49 -5.27
N SER A 6 1.41 -0.14 -6.40
CA SER A 6 2.03 0.60 -7.52
C SER A 6 1.06 1.78 -7.86
N GLY A 7 1.40 2.98 -7.35
CA GLY A 7 0.58 4.20 -7.55
C GLY A 7 0.08 4.72 -6.19
N LYS A 8 -1.04 4.14 -5.68
CA LYS A 8 -1.63 4.50 -4.38
C LYS A 8 -0.86 3.72 -3.27
N LEU A 9 0.15 4.36 -2.66
CA LEU A 9 1.01 3.74 -1.61
C LEU A 9 0.43 3.90 -0.17
N ILE A 10 -0.58 3.07 0.14
CA ILE A 10 -1.26 3.05 1.46
C ILE A 10 -2.04 1.69 1.59
N THR A 12 -2.59 -0.62 4.46
CA THR A 12 -2.57 -0.99 5.91
C THR A 12 -3.86 -0.44 6.58
N THR A 13 -4.59 -1.31 7.30
CA THR A 13 -5.85 -0.93 8.02
C THR A 13 -5.49 -0.40 9.45
N ALA A 14 -5.55 0.93 9.63
CA ALA A 14 -5.24 1.58 10.92
C ALA A 14 -6.51 1.69 11.79
#